data_1TQI
#
_entry.id   1TQI
#
_cell.length_a   116.588
_cell.length_b   44.452
_cell.length_c   62.603
_cell.angle_alpha   90.00
_cell.angle_beta   94.31
_cell.angle_gamma   90.00
#
_symmetry.space_group_name_H-M   'C 1 2 1'
#
loop_
_entity.id
_entity.type
_entity.pdbx_description
1 polymer 'conserved hypothetical protein'
2 non-polymer 1,2-ETHANEDIOL
3 water water
#
_entity_poly.entity_id   1
_entity_poly.type   'polypeptide(L)'
_entity_poly.pdbx_seq_one_letter_code
;MNIAELYGKMGKHSWRIMDAIFKNLWDYEYVPLQLISSHARIGEEKARNILKYLSDLRVVQNRQKDYEGSTFTFIGLSLY
SLHRLVRSGKVDAIGKLMGEGKESAVFNCYSEKFGECVVKFHKVGHTSFKKVKEKRDYGDLHFSVLAIRSARNEFRALQK
LQGLAVPKVYAWEGNAVLMELIDAKELYRVRVENPDEVLDMILEEVAKFYHRGIVHGDLSQYNVLVSEEGIWIIDFPQSV
EVGEEGWREILERDVRNIITYFSRTYRTEKDINSAIDRILQE
;
_entity_poly.pdbx_strand_id   A
#
loop_
_chem_comp.id
_chem_comp.type
_chem_comp.name
_chem_comp.formula
EDO non-polymer 1,2-ETHANEDIOL 'C2 H6 O2'
#
# COMPACT_ATOMS: atom_id res chain seq x y z
N MET A 1 16.21 -4.01 -14.94
CA MET A 1 16.80 -2.77 -14.33
C MET A 1 16.31 -2.48 -12.87
N ASN A 2 17.18 -2.33 -11.87
CA ASN A 2 16.66 -1.96 -10.54
C ASN A 2 16.11 -0.53 -10.43
N ILE A 3 15.26 -0.31 -9.44
CA ILE A 3 14.49 0.93 -9.33
C ILE A 3 15.45 2.09 -9.06
N ALA A 4 16.54 1.84 -8.35
CA ALA A 4 17.62 2.81 -8.13
C ALA A 4 18.30 3.27 -9.41
N GLU A 5 18.56 2.32 -10.29
CA GLU A 5 19.20 2.66 -11.57
C GLU A 5 18.19 3.40 -12.45
N LEU A 6 16.95 2.94 -12.41
CA LEU A 6 15.93 3.59 -13.21
C LEU A 6 15.83 5.06 -12.80
N TYR A 7 15.84 5.29 -11.50
CA TYR A 7 15.70 6.63 -10.92
C TYR A 7 16.83 7.51 -11.48
N GLY A 8 18.05 6.95 -11.49
CA GLY A 8 19.19 7.69 -12.03
C GLY A 8 19.06 8.09 -13.52
N LYS A 9 18.23 7.41 -14.26
CA LYS A 9 18.05 7.74 -15.68
C LYS A 9 17.11 8.90 -15.98
N MET A 10 16.50 9.46 -14.94
CA MET A 10 15.56 10.55 -15.03
C MET A 10 16.15 11.95 -14.87
N GLY A 11 15.88 12.81 -15.82
CA GLY A 11 16.26 14.19 -15.76
C GLY A 11 15.10 15.02 -15.23
N LYS A 12 15.34 16.31 -15.06
CA LYS A 12 14.27 17.22 -14.66
C LYS A 12 13.13 17.22 -15.66
N HIS A 13 13.38 17.23 -16.97
CA HIS A 13 12.30 17.23 -17.93
C HIS A 13 11.47 15.93 -17.84
N SER A 14 12.12 14.81 -17.57
CA SER A 14 11.43 13.53 -17.32
C SER A 14 10.50 13.66 -16.14
N TRP A 15 10.98 14.25 -15.05
CA TRP A 15 10.09 14.38 -13.88
C TRP A 15 8.94 15.34 -14.16
N ARG A 16 9.18 16.41 -14.90
CA ARG A 16 8.09 17.33 -15.28
C ARG A 16 7.03 16.69 -16.17
N ILE A 17 7.42 15.80 -17.10
CA ILE A 17 6.45 15.05 -17.89
C ILE A 17 5.61 14.13 -16.97
N MET A 18 6.26 13.48 -16.02
CA MET A 18 5.53 12.54 -15.15
C MET A 18 4.57 13.32 -14.21
N ASP A 19 5.00 14.51 -13.76
CA ASP A 19 4.17 15.39 -12.88
C ASP A 19 2.91 15.79 -13.64
N ALA A 20 3.06 16.13 -14.92
CA ALA A 20 1.90 16.41 -15.77
C ALA A 20 0.94 15.25 -15.98
N ILE A 21 1.45 14.03 -16.20
CA ILE A 21 0.53 12.90 -16.20
C ILE A 21 -0.19 12.81 -14.86
N PHE A 22 0.60 12.77 -13.79
CA PHE A 22 0.04 12.58 -12.45
C PHE A 22 -1.05 13.54 -12.11
N LYS A 23 -0.85 14.79 -12.44
CA LYS A 23 -1.84 15.82 -12.10
C LYS A 23 -3.09 15.82 -12.99
N ASN A 24 -3.11 15.02 -14.04
CA ASN A 24 -4.25 14.93 -14.94
C ASN A 24 -4.90 13.57 -14.91
N LEU A 25 -4.43 12.70 -14.01
CA LEU A 25 -5.09 11.43 -13.81
C LEU A 25 -6.57 11.52 -13.30
N TRP A 26 -6.95 12.63 -12.68
CA TRP A 26 -8.29 12.78 -12.09
C TRP A 26 -9.34 12.82 -13.21
N ASP A 27 -8.96 13.14 -14.43
CA ASP A 27 -9.98 13.13 -15.48
C ASP A 27 -9.64 12.41 -16.76
N TYR A 28 -8.46 11.75 -16.80
CA TYR A 28 -8.08 10.89 -17.90
C TYR A 28 -7.33 9.67 -17.37
N GLU A 29 -7.66 8.49 -17.87
CA GLU A 29 -6.79 7.30 -17.80
C GLU A 29 -5.49 7.60 -18.59
N TYR A 30 -5.69 7.87 -19.89
CA TYR A 30 -4.60 8.24 -20.76
C TYR A 30 -4.66 9.72 -21.02
N VAL A 31 -3.68 10.40 -20.46
CA VAL A 31 -3.59 11.80 -20.57
C VAL A 31 -3.15 12.17 -21.99
N PRO A 32 -3.88 13.02 -22.68
CA PRO A 32 -3.49 13.46 -24.04
C PRO A 32 -2.19 14.18 -24.04
N LEU A 33 -1.31 13.85 -25.01
CA LEU A 33 -0.02 14.53 -25.22
C LEU A 33 -0.16 16.01 -25.14
N GLN A 34 -1.21 16.61 -25.74
CA GLN A 34 -1.28 18.08 -25.79
C GLN A 34 -1.37 18.68 -24.40
N LEU A 35 -2.00 17.98 -23.44
CA LEU A 35 -2.14 18.45 -22.08
C LEU A 35 -0.92 18.15 -21.24
N ILE A 36 -0.28 17.02 -21.52
CA ILE A 36 1.04 16.75 -20.92
C ILE A 36 1.95 17.89 -21.32
N SER A 37 1.97 18.24 -22.61
CA SER A 37 2.88 19.29 -23.12
C SER A 37 2.60 20.64 -22.48
N SER A 38 1.32 21.04 -22.48
CA SER A 38 0.93 22.34 -21.94
C SER A 38 1.16 22.43 -20.44
N HIS A 39 0.87 21.37 -19.67
CA HIS A 39 1.10 21.41 -18.22
C HIS A 39 2.57 21.45 -17.88
N ALA A 40 3.37 20.70 -18.64
CA ALA A 40 4.78 20.63 -18.32
C ALA A 40 5.56 21.86 -18.85
N ARG A 41 4.93 22.64 -19.70
CA ARG A 41 5.61 23.68 -20.44
C ARG A 41 6.78 23.15 -21.28
N ILE A 42 6.53 22.06 -22.01
CA ILE A 42 7.54 21.43 -22.89
C ILE A 42 6.79 21.26 -24.17
N GLY A 43 7.42 21.68 -25.25
CA GLY A 43 6.82 21.62 -26.55
C GLY A 43 6.40 20.21 -26.92
N GLU A 44 5.37 20.05 -27.73
CA GLU A 44 4.80 18.76 -28.12
C GLU A 44 5.80 17.77 -28.66
N GLU A 45 6.66 18.18 -29.58
CA GLU A 45 7.51 17.17 -30.22
C GLU A 45 8.51 16.64 -29.18
N LYS A 46 9.09 17.51 -28.36
CA LYS A 46 9.98 17.09 -27.29
C LYS A 46 9.26 16.24 -26.20
N ALA A 47 8.03 16.63 -25.84
CA ALA A 47 7.26 15.85 -24.89
C ALA A 47 7.05 14.45 -25.45
N ARG A 48 6.69 14.38 -26.71
CA ARG A 48 6.55 13.09 -27.38
C ARG A 48 7.79 12.23 -27.27
N ASN A 49 8.93 12.80 -27.61
CA ASN A 49 10.24 12.14 -27.53
C ASN A 49 10.54 11.63 -26.09
N ILE A 50 10.25 12.47 -25.10
CA ILE A 50 10.42 12.04 -23.67
C ILE A 50 9.54 10.85 -23.35
N LEU A 51 8.27 10.90 -23.73
CA LEU A 51 7.32 9.83 -23.49
C LEU A 51 7.71 8.56 -24.20
N LYS A 52 8.28 8.66 -25.40
CA LYS A 52 8.77 7.46 -26.06
C LYS A 52 9.93 6.79 -25.28
N TYR A 53 10.83 7.60 -24.79
CA TYR A 53 11.91 7.06 -24.02
C TYR A 53 11.46 6.46 -22.67
N LEU A 54 10.55 7.17 -21.99
CA LEU A 54 9.94 6.63 -20.77
C LEU A 54 9.23 5.31 -21.05
N SER A 55 8.56 5.19 -22.18
CA SER A 55 7.94 3.95 -22.53
C SER A 55 9.02 2.83 -22.71
N ASP A 56 10.13 3.19 -23.36
CA ASP A 56 11.22 2.18 -23.58
C ASP A 56 11.76 1.73 -22.22
N LEU A 57 11.78 2.65 -21.25
CA LEU A 57 12.11 2.31 -19.86
C LEU A 57 11.05 1.72 -18.95
N ARG A 58 9.89 1.43 -19.56
CA ARG A 58 8.71 0.82 -18.99
C ARG A 58 8.12 1.61 -17.78
N VAL A 59 8.25 2.93 -17.83
CA VAL A 59 7.74 3.91 -16.87
C VAL A 59 6.37 4.41 -17.26
N VAL A 60 6.11 4.58 -18.57
CA VAL A 60 4.79 4.89 -19.04
C VAL A 60 4.38 3.95 -20.13
N GLN A 61 3.08 3.93 -20.31
CA GLN A 61 2.39 3.23 -21.38
C GLN A 61 1.69 4.25 -22.28
N ASN A 62 2.05 4.23 -23.59
CA ASN A 62 1.58 5.18 -24.59
C ASN A 62 0.58 4.42 -25.48
N ARG A 63 -0.53 5.04 -25.79
CA ARG A 63 -1.52 4.44 -26.67
C ARG A 63 -1.86 5.49 -27.71
N GLN A 64 -2.36 5.02 -28.85
CA GLN A 64 -2.71 5.91 -29.95
C GLN A 64 -3.92 5.44 -30.78
N LYS A 65 -4.74 4.53 -30.24
CA LYS A 65 -5.91 3.98 -30.94
C LYS A 65 -6.85 5.14 -31.25
N ASP A 66 -7.25 5.87 -30.22
CA ASP A 66 -8.15 6.99 -30.40
C ASP A 66 -7.44 8.35 -30.42
N TYR A 67 -6.38 8.49 -29.65
CA TYR A 67 -5.59 9.71 -29.56
C TYR A 67 -4.22 9.40 -28.92
N GLU A 68 -3.29 10.33 -29.04
CA GLU A 68 -1.97 10.14 -28.51
C GLU A 68 -2.06 10.42 -27.02
N GLY A 69 -2.11 9.36 -26.22
CA GLY A 69 -2.18 9.55 -24.78
C GLY A 69 -1.23 8.65 -23.97
N SER A 70 -0.99 9.00 -22.70
CA SER A 70 -0.05 8.28 -21.84
C SER A 70 -0.53 8.11 -20.44
N THR A 71 -0.16 6.99 -19.85
CA THR A 71 -0.36 6.80 -18.40
C THR A 71 0.82 6.05 -17.76
N PHE A 72 0.82 5.95 -16.43
CA PHE A 72 1.91 5.27 -15.73
C PHE A 72 1.72 3.77 -15.87
N THR A 73 2.83 3.06 -15.88
CA THR A 73 2.83 1.65 -15.54
C THR A 73 2.93 1.57 -14.03
N PHE A 74 2.83 0.37 -13.47
CA PHE A 74 3.11 0.18 -12.02
C PHE A 74 4.51 0.67 -11.65
N ILE A 75 5.49 0.30 -12.45
CA ILE A 75 6.86 0.74 -12.28
C ILE A 75 7.02 2.24 -12.25
N GLY A 76 6.37 2.89 -13.20
CA GLY A 76 6.42 4.33 -13.39
C GLY A 76 5.72 5.09 -12.28
N LEU A 77 4.55 4.61 -11.88
CA LEU A 77 3.84 5.30 -10.78
C LEU A 77 4.64 5.21 -9.47
N SER A 78 5.23 4.04 -9.28
CA SER A 78 6.03 3.77 -8.08
C SER A 78 7.25 4.72 -8.10
N LEU A 79 7.94 4.76 -9.24
CA LEU A 79 9.11 5.62 -9.39
C LEU A 79 8.77 7.07 -9.18
N TYR A 80 7.63 7.52 -9.68
CA TYR A 80 7.17 8.85 -9.47
C TYR A 80 6.82 9.16 -7.98
N SER A 81 6.14 8.21 -7.37
CA SER A 81 5.80 8.33 -5.95
C SER A 81 7.07 8.40 -5.09
N LEU A 82 8.06 7.60 -5.45
CA LEU A 82 9.33 7.62 -4.73
C LEU A 82 9.98 9.01 -4.88
N HIS A 83 9.95 9.53 -6.09
CA HIS A 83 10.51 10.84 -6.35
C HIS A 83 9.86 11.88 -5.45
N ARG A 84 8.55 11.82 -5.30
CA ARG A 84 7.83 12.73 -4.41
C ARG A 84 8.28 12.57 -2.96
N LEU A 85 8.59 11.35 -2.57
CA LEU A 85 9.06 11.07 -1.21
C LEU A 85 10.47 11.60 -1.04
N VAL A 86 11.28 11.50 -2.07
CA VAL A 86 12.68 11.93 -2.05
C VAL A 86 12.70 13.49 -2.04
N ARG A 87 11.90 14.15 -2.86
CA ARG A 87 11.83 15.61 -2.89
C ARG A 87 11.25 16.21 -1.63
N SER A 88 10.41 15.46 -0.92
CA SER A 88 9.88 15.94 0.35
C SER A 88 10.88 15.67 1.52
N GLY A 89 12.04 15.09 1.22
CA GLY A 89 13.03 14.81 2.24
C GLY A 89 12.70 13.65 3.17
N LYS A 90 11.74 12.81 2.80
CA LYS A 90 11.28 11.70 3.66
C LYS A 90 12.10 10.42 3.46
N VAL A 91 12.65 10.29 2.27
CA VAL A 91 13.49 9.20 1.87
C VAL A 91 14.74 9.74 1.22
N ASP A 92 15.84 9.07 1.49
CA ASP A 92 17.12 9.40 0.90
C ASP A 92 17.56 8.36 -0.11
N ALA A 93 17.35 7.08 0.14
CA ALA A 93 17.84 6.12 -0.87
C ALA A 93 16.93 4.92 -0.86
N ILE A 94 16.54 4.43 -2.02
CA ILE A 94 15.74 3.21 -2.03
C ILE A 94 16.73 2.08 -2.03
N GLY A 95 16.35 0.97 -1.41
CA GLY A 95 17.23 -0.17 -1.29
C GLY A 95 16.65 -1.37 -2.00
N LYS A 96 16.97 -2.52 -1.48
CA LYS A 96 16.57 -3.81 -2.02
C LYS A 96 15.11 -4.11 -1.79
N LEU A 97 14.54 -4.84 -2.74
CA LEU A 97 13.21 -5.36 -2.62
C LEU A 97 13.14 -6.28 -1.40
N MET A 98 12.10 -6.14 -0.58
CA MET A 98 11.93 -7.02 0.57
C MET A 98 11.01 -8.14 0.16
N GLY A 99 9.96 -7.80 -0.58
CA GLY A 99 9.05 -8.78 -1.14
C GLY A 99 7.94 -8.14 -1.98
N GLU A 100 7.18 -8.96 -2.68
CA GLU A 100 6.19 -8.51 -3.66
C GLU A 100 5.14 -9.60 -3.79
N GLY A 101 3.87 -9.25 -3.70
CA GLY A 101 2.81 -10.20 -4.03
C GLY A 101 1.86 -9.54 -4.99
N LYS A 102 0.64 -10.04 -4.96
CA LYS A 102 -0.45 -9.56 -5.80
C LYS A 102 -0.83 -8.07 -5.61
N GLU A 103 -0.69 -7.56 -4.38
CA GLU A 103 -1.20 -6.23 -4.02
C GLU A 103 -0.14 -5.08 -3.94
N SER A 104 1.11 -5.43 -3.71
CA SER A 104 2.16 -4.45 -3.46
C SER A 104 3.53 -5.04 -3.67
N ALA A 105 4.51 -4.16 -3.90
CA ALA A 105 5.94 -4.47 -3.79
C ALA A 105 6.46 -3.59 -2.65
N VAL A 106 7.22 -4.20 -1.76
CA VAL A 106 7.71 -3.52 -0.61
C VAL A 106 9.21 -3.48 -0.71
N PHE A 107 9.80 -2.29 -0.60
CA PHE A 107 11.23 -2.15 -0.65
C PHE A 107 11.75 -1.64 0.66
N ASN A 108 12.96 -2.09 1.01
CA ASN A 108 13.74 -1.46 2.05
C ASN A 108 14.20 -0.07 1.58
N CYS A 109 14.28 0.85 2.53
CA CYS A 109 14.87 2.15 2.26
C CYS A 109 15.42 2.79 3.54
N TYR A 110 16.21 3.82 3.30
CA TYR A 110 16.85 4.54 4.38
C TYR A 110 16.48 5.99 4.33
N SER A 111 16.15 6.50 5.51
CA SER A 111 15.73 7.88 5.72
C SER A 111 16.54 8.45 6.87
N GLU A 112 17.11 9.65 6.68
CA GLU A 112 17.87 10.29 7.76
C GLU A 112 16.91 10.60 8.90
N LYS A 113 15.69 10.99 8.58
CA LYS A 113 14.73 11.33 9.62
C LYS A 113 14.09 10.10 10.33
N PHE A 114 13.76 9.06 9.56
CA PHE A 114 13.01 7.97 10.14
C PHE A 114 13.82 6.72 10.31
N GLY A 115 15.05 6.68 9.84
CA GLY A 115 15.88 5.48 10.01
C GLY A 115 15.68 4.48 8.85
N GLU A 116 15.94 3.22 9.17
CA GLU A 116 15.85 2.14 8.17
C GLU A 116 14.39 1.70 8.15
N CYS A 117 13.72 1.92 7.03
CA CYS A 117 12.33 1.60 6.97
C CYS A 117 11.89 0.90 5.69
N VAL A 118 10.60 0.88 5.41
CA VAL A 118 10.12 0.31 4.16
C VAL A 118 9.16 1.28 3.47
N VAL A 119 9.14 1.15 2.14
CA VAL A 119 8.20 1.87 1.24
C VAL A 119 7.45 0.80 0.49
N LYS A 120 6.13 0.85 0.61
CA LYS A 120 5.27 -0.13 0.02
C LYS A 120 4.58 0.55 -1.19
N PHE A 121 4.82 -0.01 -2.37
CA PHE A 121 4.18 0.40 -3.61
C PHE A 121 2.95 -0.41 -3.99
N HIS A 122 1.79 0.23 -3.98
CA HIS A 122 0.54 -0.49 -4.12
C HIS A 122 0.18 -0.69 -5.59
N LYS A 123 -0.38 -1.87 -5.90
CA LYS A 123 -0.89 -2.19 -7.22
C LYS A 123 -2.38 -2.12 -7.03
N VAL A 124 -3.12 -2.33 -8.09
CA VAL A 124 -4.54 -2.66 -7.95
C VAL A 124 -5.26 -1.80 -6.89
N LYS A 131 -20.38 0.60 -7.09
CA LYS A 131 -21.32 0.44 -8.24
C LYS A 131 -20.57 -0.32 -9.34
N VAL A 132 -21.31 -1.05 -10.17
CA VAL A 132 -20.81 -1.93 -11.26
C VAL A 132 -19.66 -2.95 -11.03
N LYS A 133 -20.01 -4.17 -10.62
CA LYS A 133 -19.08 -5.32 -10.63
C LYS A 133 -18.92 -5.95 -12.05
N GLU A 134 -17.69 -6.07 -12.55
CA GLU A 134 -17.47 -6.35 -13.99
C GLU A 134 -16.40 -7.39 -14.31
N HIS A 142 -8.22 1.87 -14.99
CA HIS A 142 -8.04 2.91 -13.98
C HIS A 142 -6.95 2.54 -12.94
N PHE A 143 -5.89 1.88 -13.44
CA PHE A 143 -4.78 1.39 -12.60
C PHE A 143 -4.28 2.42 -11.55
N SER A 144 -3.89 3.59 -12.03
CA SER A 144 -3.21 4.57 -11.20
C SER A 144 -4.13 5.13 -10.12
N VAL A 145 -5.30 5.64 -10.50
CA VAL A 145 -6.20 6.20 -9.49
C VAL A 145 -6.54 5.15 -8.38
N LEU A 146 -6.74 3.89 -8.74
CA LEU A 146 -7.09 2.87 -7.78
C LEU A 146 -5.88 2.54 -6.87
N ALA A 147 -4.69 2.40 -7.45
CA ALA A 147 -3.47 2.20 -6.66
C ALA A 147 -3.19 3.31 -5.67
N ILE A 148 -3.38 4.55 -6.11
CA ILE A 148 -3.16 5.72 -5.28
C ILE A 148 -4.22 5.70 -4.12
N ARG A 149 -5.47 5.36 -4.41
CA ARG A 149 -6.49 5.21 -3.37
C ARG A 149 -6.20 4.12 -2.35
N SER A 150 -5.68 3.01 -2.81
CA SER A 150 -5.22 1.92 -1.92
C SER A 150 -4.15 2.43 -0.95
N ALA A 151 -3.16 3.14 -1.49
CA ALA A 151 -2.06 3.68 -0.69
C ALA A 151 -2.56 4.70 0.35
N ARG A 152 -3.44 5.60 -0.09
CA ARG A 152 -3.92 6.60 0.83
C ARG A 152 -4.80 5.98 1.93
N ASN A 153 -5.60 4.99 1.53
CA ASN A 153 -6.37 4.25 2.50
C ASN A 153 -5.50 3.57 3.59
N GLU A 154 -4.42 2.88 3.19
CA GLU A 154 -3.54 2.31 4.15
C GLU A 154 -2.95 3.36 5.04
N PHE A 155 -2.51 4.45 4.42
CA PHE A 155 -1.93 5.50 5.19
C PHE A 155 -2.91 6.05 6.29
N ARG A 156 -4.11 6.40 5.91
CA ARG A 156 -5.04 6.98 6.86
C ARG A 156 -5.35 5.95 7.98
N ALA A 157 -5.49 4.68 7.60
CA ALA A 157 -5.76 3.64 8.60
C ALA A 157 -4.64 3.63 9.59
N LEU A 158 -3.41 3.64 9.07
CA LEU A 158 -2.27 3.55 9.96
C LEU A 158 -2.20 4.75 10.89
N GLN A 159 -2.44 5.91 10.34
CA GLN A 159 -2.48 7.12 11.16
C GLN A 159 -3.52 6.99 12.28
N LYS A 160 -4.67 6.46 11.96
CA LYS A 160 -5.73 6.37 12.97
C LYS A 160 -5.40 5.33 14.02
N LEU A 161 -4.55 4.36 13.69
CA LEU A 161 -4.17 3.33 14.65
C LEU A 161 -2.88 3.57 15.41
N GLN A 162 -2.24 4.71 15.24
CA GLN A 162 -0.95 4.87 15.93
C GLN A 162 -1.05 4.74 17.39
N GLY A 163 0.01 4.21 17.91
CA GLY A 163 0.10 3.79 19.30
C GLY A 163 -0.38 2.36 19.53
N LEU A 164 -0.99 1.67 18.54
CA LEU A 164 -1.35 0.25 18.72
C LEU A 164 -0.33 -0.61 18.00
N ALA A 165 -0.57 -1.90 17.92
CA ALA A 165 0.50 -2.83 17.41
C ALA A 165 0.48 -2.93 15.87
N VAL A 166 0.82 -1.82 15.26
CA VAL A 166 0.95 -1.61 13.83
C VAL A 166 2.20 -0.80 13.52
N PRO A 167 2.66 -0.85 12.29
CA PRO A 167 3.82 -0.02 12.00
C PRO A 167 3.53 1.44 12.25
N LYS A 168 4.53 2.16 12.71
CA LYS A 168 4.52 3.64 12.60
C LYS A 168 4.54 4.04 11.16
N VAL A 169 3.74 5.01 10.82
CA VAL A 169 3.62 5.45 9.45
C VAL A 169 4.15 6.87 9.26
N TYR A 170 4.89 7.05 8.17
CA TYR A 170 5.71 8.29 8.01
C TYR A 170 5.24 9.14 6.89
N ALA A 171 4.74 8.57 5.78
CA ALA A 171 4.37 9.41 4.66
C ALA A 171 3.61 8.64 3.61
N TRP A 172 2.93 9.39 2.77
CA TRP A 172 2.16 8.79 1.68
C TRP A 172 2.35 9.72 0.46
N GLU A 173 2.80 9.19 -0.68
CA GLU A 173 2.74 9.97 -1.91
C GLU A 173 2.36 8.99 -3.00
N GLY A 174 1.38 9.34 -3.83
CA GLY A 174 1.04 8.50 -4.98
C GLY A 174 0.62 7.12 -4.49
N ASN A 175 1.23 6.07 -5.04
CA ASN A 175 0.92 4.71 -4.65
C ASN A 175 1.89 4.20 -3.56
N ALA A 176 2.63 5.09 -2.88
CA ALA A 176 3.69 4.75 -1.94
C ALA A 176 3.28 5.14 -0.51
N VAL A 177 3.49 4.23 0.43
CA VAL A 177 3.40 4.50 1.86
C VAL A 177 4.75 4.09 2.52
N LEU A 178 5.34 5.05 3.20
CA LEU A 178 6.57 4.95 3.92
C LEU A 178 6.23 4.64 5.37
N MET A 179 6.80 3.57 5.88
CA MET A 179 6.48 3.17 7.24
C MET A 179 7.67 2.45 7.88
N GLU A 180 7.46 2.15 9.15
CA GLU A 180 8.41 1.43 10.02
C GLU A 180 8.70 0.04 9.55
N LEU A 181 9.96 -0.41 9.59
CA LEU A 181 10.29 -1.80 9.33
C LEU A 181 9.98 -2.56 10.60
N ILE A 182 9.15 -3.58 10.54
CA ILE A 182 8.91 -4.38 11.74
C ILE A 182 9.71 -5.64 11.53
N ASP A 183 10.61 -5.92 12.45
CA ASP A 183 11.40 -7.14 12.40
C ASP A 183 10.69 -8.30 13.11
N ALA A 184 9.85 -8.99 12.37
CA ALA A 184 8.99 -10.08 12.87
C ALA A 184 8.48 -10.82 11.64
N LYS A 185 8.26 -12.14 11.75
CA LYS A 185 7.88 -12.96 10.61
C LYS A 185 6.34 -13.05 10.59
N GLU A 186 5.76 -13.27 9.44
CA GLU A 186 4.33 -13.58 9.31
C GLU A 186 4.00 -14.82 10.11
N LEU A 187 2.82 -14.78 10.74
CA LEU A 187 2.35 -15.83 11.63
C LEU A 187 2.45 -17.20 10.96
N TYR A 188 2.18 -17.27 9.67
CA TYR A 188 2.05 -18.55 9.00
C TYR A 188 3.38 -19.32 8.99
N ARG A 189 4.48 -18.60 9.13
CA ARG A 189 5.80 -19.25 9.23
C ARG A 189 6.26 -19.55 10.63
N VAL A 190 5.49 -19.23 11.67
CA VAL A 190 5.89 -19.46 13.04
C VAL A 190 4.99 -20.50 13.70
N ARG A 191 5.57 -21.57 14.20
CA ARG A 191 4.85 -22.44 15.11
C ARG A 191 4.86 -21.77 16.47
N VAL A 192 3.71 -21.35 16.98
CA VAL A 192 3.71 -20.82 18.33
C VAL A 192 3.31 -21.93 19.30
N GLU A 193 3.69 -21.79 20.58
CA GLU A 193 3.52 -22.82 21.59
C GLU A 193 2.45 -22.40 22.57
N ASN A 194 2.00 -21.14 22.43
CA ASN A 194 0.86 -20.60 23.13
C ASN A 194 -0.18 -20.01 22.15
N PRO A 195 -0.68 -20.83 21.24
CA PRO A 195 -1.66 -20.38 20.22
C PRO A 195 -2.90 -19.81 20.81
N ASP A 196 -3.38 -20.27 21.96
CA ASP A 196 -4.61 -19.69 22.48
C ASP A 196 -4.37 -18.25 22.89
N GLU A 197 -3.20 -17.98 23.48
CA GLU A 197 -2.91 -16.65 23.96
C GLU A 197 -2.58 -15.75 22.74
N VAL A 198 -1.95 -16.26 21.71
CA VAL A 198 -1.65 -15.45 20.52
C VAL A 198 -2.96 -15.06 19.78
N LEU A 199 -3.83 -16.03 19.58
CA LEU A 199 -5.18 -15.73 19.08
C LEU A 199 -5.87 -14.66 19.91
N ASP A 200 -5.80 -14.76 21.24
CA ASP A 200 -6.50 -13.78 22.05
C ASP A 200 -5.86 -12.40 21.86
N MET A 201 -4.55 -12.32 21.72
CA MET A 201 -3.91 -11.04 21.52
C MET A 201 -4.31 -10.40 20.14
N ILE A 202 -4.47 -11.26 19.15
CA ILE A 202 -4.90 -10.76 17.86
C ILE A 202 -6.32 -10.20 17.97
N LEU A 203 -7.23 -10.94 18.57
CA LEU A 203 -8.64 -10.50 18.78
C LEU A 203 -8.79 -9.25 19.64
N GLU A 204 -7.95 -9.11 20.67
CA GLU A 204 -7.88 -7.86 21.41
C GLU A 204 -7.46 -6.67 20.52
N GLU A 205 -6.53 -6.89 19.58
CA GLU A 205 -6.06 -5.82 18.78
C GLU A 205 -7.16 -5.48 17.76
N VAL A 206 -7.89 -6.50 17.29
CA VAL A 206 -9.06 -6.27 16.48
C VAL A 206 -10.09 -5.38 17.22
N ALA A 207 -10.32 -5.67 18.51
CA ALA A 207 -11.22 -4.87 19.30
C ALA A 207 -10.71 -3.45 19.47
N LYS A 208 -9.40 -3.29 19.68
CA LYS A 208 -8.81 -1.94 19.71
C LYS A 208 -8.95 -1.14 18.40
N PHE A 209 -8.73 -1.83 17.26
CA PHE A 209 -9.02 -1.20 15.97
C PHE A 209 -10.48 -0.73 15.89
N TYR A 210 -11.38 -1.63 16.21
CA TYR A 210 -12.81 -1.33 16.16
C TYR A 210 -13.19 -0.10 17.02
N HIS A 211 -12.66 0.00 18.23
CA HIS A 211 -12.90 1.17 19.10
C HIS A 211 -12.32 2.45 18.44
N ARG A 212 -11.31 2.33 17.58
CA ARG A 212 -10.81 3.48 16.85
C ARG A 212 -11.60 3.82 15.56
N GLY A 213 -12.61 3.00 15.26
CA GLY A 213 -13.41 3.12 14.06
C GLY A 213 -12.82 2.46 12.81
N ILE A 214 -11.94 1.47 12.98
CA ILE A 214 -11.30 0.88 11.81
C ILE A 214 -11.55 -0.66 11.79
N VAL A 215 -11.90 -1.20 10.63
CA VAL A 215 -11.87 -2.62 10.39
C VAL A 215 -10.78 -2.94 9.38
N HIS A 216 -9.94 -3.91 9.70
CA HIS A 216 -8.78 -4.25 8.88
C HIS A 216 -9.19 -4.69 7.45
N GLY A 217 -10.03 -5.69 7.32
CA GLY A 217 -10.58 -5.94 5.99
C GLY A 217 -9.97 -7.14 5.28
N ASP A 218 -8.86 -7.66 5.77
CA ASP A 218 -8.32 -8.87 5.15
C ASP A 218 -7.44 -9.63 6.09
N LEU A 219 -7.82 -9.67 7.38
CA LEU A 219 -6.94 -10.22 8.43
C LEU A 219 -6.67 -11.68 8.16
N SER A 220 -5.41 -12.07 8.28
CA SER A 220 -5.03 -13.45 7.92
C SER A 220 -3.65 -13.77 8.55
N GLN A 221 -3.26 -15.00 8.35
CA GLN A 221 -1.96 -15.45 8.75
C GLN A 221 -0.81 -14.76 7.97
N TYR A 222 -1.09 -14.02 6.92
CA TYR A 222 -0.07 -13.37 6.12
C TYR A 222 0.13 -11.92 6.58
N ASN A 223 -0.76 -11.39 7.45
CA ASN A 223 -0.63 -9.97 7.87
C ASN A 223 -0.66 -9.75 9.36
N VAL A 224 -0.49 -10.87 10.06
CA VAL A 224 -0.21 -10.81 11.48
C VAL A 224 1.27 -11.18 11.53
N LEU A 225 2.09 -10.34 12.16
CA LEU A 225 3.51 -10.66 12.38
C LEU A 225 3.71 -11.05 13.83
N VAL A 226 4.63 -11.98 14.09
CA VAL A 226 4.88 -12.46 15.41
C VAL A 226 6.40 -12.55 15.69
N SER A 227 6.79 -12.20 16.91
CA SER A 227 8.13 -12.50 17.49
C SER A 227 7.95 -12.79 18.95
N GLU A 228 9.00 -13.15 19.68
CA GLU A 228 8.82 -13.39 21.13
C GLU A 228 8.30 -12.16 21.84
N GLU A 229 8.56 -10.98 21.26
CA GLU A 229 8.10 -9.74 21.86
C GLU A 229 6.55 -9.56 21.85
N GLY A 230 5.95 -9.88 20.71
CA GLY A 230 4.49 -9.80 20.59
C GLY A 230 4.01 -9.99 19.16
N ILE A 231 2.83 -9.42 18.89
CA ILE A 231 2.26 -9.47 17.56
C ILE A 231 2.19 -8.06 17.02
N TRP A 232 2.13 -7.95 15.70
CA TRP A 232 1.80 -6.71 15.03
C TRP A 232 0.82 -7.08 13.91
N ILE A 233 0.05 -6.12 13.45
CA ILE A 233 -0.85 -6.34 12.33
C ILE A 233 -0.45 -5.33 11.25
N ILE A 234 -0.36 -5.81 10.02
CA ILE A 234 -0.02 -4.98 8.89
C ILE A 234 -1.07 -5.11 7.77
N ASP A 235 -0.83 -4.33 6.71
CA ASP A 235 -1.48 -4.38 5.44
C ASP A 235 -2.96 -3.92 5.48
N PHE A 236 -3.15 -2.61 5.46
CA PHE A 236 -4.47 -1.98 5.57
C PHE A 236 -5.08 -1.37 4.33
N PRO A 237 -4.67 -1.73 3.11
CA PRO A 237 -5.29 -1.04 1.97
C PRO A 237 -6.81 -1.29 1.76
N GLN A 238 -7.31 -2.43 2.23
CA GLN A 238 -8.70 -2.81 2.10
C GLN A 238 -9.46 -2.47 3.38
N SER A 239 -8.84 -1.74 4.30
CA SER A 239 -9.52 -1.42 5.58
C SER A 239 -10.72 -0.52 5.35
N VAL A 240 -11.71 -0.55 6.24
CA VAL A 240 -12.84 0.36 6.17
C VAL A 240 -13.09 1.02 7.48
N GLU A 241 -13.83 2.13 7.44
CA GLU A 241 -14.34 2.78 8.68
C GLU A 241 -15.63 2.12 9.16
N VAL A 242 -15.73 1.97 10.47
CA VAL A 242 -16.96 1.50 11.11
C VAL A 242 -18.05 2.52 10.70
N GLY A 243 -19.18 2.03 10.21
CA GLY A 243 -20.25 2.85 9.62
C GLY A 243 -20.36 2.72 8.12
N GLU A 244 -19.24 2.51 7.43
CA GLU A 244 -19.26 2.22 5.98
C GLU A 244 -19.97 0.94 5.62
N GLU A 245 -20.49 0.91 4.38
CA GLU A 245 -21.30 -0.19 3.89
C GLU A 245 -20.60 -1.53 4.09
N GLY A 246 -21.29 -2.48 4.72
CA GLY A 246 -20.73 -3.78 5.03
C GLY A 246 -19.69 -3.88 6.13
N TRP A 247 -19.44 -2.84 6.89
CA TRP A 247 -18.33 -2.87 7.83
C TRP A 247 -18.49 -4.01 8.83
N ARG A 248 -19.71 -4.33 9.27
CA ARG A 248 -19.93 -5.29 10.34
C ARG A 248 -19.64 -6.69 9.82
N GLU A 249 -20.09 -6.95 8.61
CA GLU A 249 -19.81 -8.21 8.00
C GLU A 249 -18.33 -8.36 7.67
N ILE A 250 -17.65 -7.27 7.27
CA ILE A 250 -16.20 -7.29 7.07
C ILE A 250 -15.46 -7.61 8.37
N LEU A 251 -15.91 -7.01 9.48
CA LEU A 251 -15.34 -7.31 10.79
C LEU A 251 -15.55 -8.78 11.15
N GLU A 252 -16.77 -9.27 10.93
CA GLU A 252 -17.06 -10.61 11.30
C GLU A 252 -16.16 -11.55 10.52
N ARG A 253 -15.93 -11.24 9.25
CA ARG A 253 -15.09 -12.06 8.41
C ARG A 253 -13.63 -12.07 8.91
N ASP A 254 -13.05 -10.97 9.31
CA ASP A 254 -11.73 -10.93 9.93
C ASP A 254 -11.66 -11.83 11.16
N VAL A 255 -12.67 -11.76 12.02
CA VAL A 255 -12.67 -12.57 13.23
C VAL A 255 -12.76 -14.04 12.89
N ARG A 256 -13.73 -14.34 12.05
CA ARG A 256 -13.93 -15.71 11.60
C ARG A 256 -12.70 -16.29 10.92
N ASN A 257 -12.09 -15.51 10.04
CA ASN A 257 -10.99 -16.06 9.28
C ASN A 257 -9.81 -16.34 10.24
N ILE A 258 -9.56 -15.44 11.17
CA ILE A 258 -8.36 -15.67 11.98
C ILE A 258 -8.56 -16.83 12.95
N ILE A 259 -9.73 -16.91 13.52
CA ILE A 259 -10.08 -18.01 14.36
C ILE A 259 -10.03 -19.35 13.61
N THR A 260 -10.52 -19.38 12.37
CA THR A 260 -10.43 -20.57 11.52
C THR A 260 -8.99 -21.03 11.27
N TYR A 261 -8.12 -20.05 11.04
CA TYR A 261 -6.74 -20.32 10.89
C TYR A 261 -6.19 -21.03 12.14
N PHE A 262 -6.50 -20.55 13.32
CA PHE A 262 -6.03 -21.16 14.54
C PHE A 262 -6.60 -22.58 14.76
N SER A 263 -7.89 -22.75 14.44
CA SER A 263 -8.52 -24.05 14.55
C SER A 263 -7.90 -25.08 13.65
N ARG A 264 -7.65 -24.75 12.40
CA ARG A 264 -7.05 -25.67 11.49
C ARG A 264 -5.56 -25.99 11.84
N THR A 265 -4.80 -24.98 12.27
CA THR A 265 -3.32 -25.15 12.51
C THR A 265 -3.07 -25.71 13.88
N TYR A 266 -3.85 -25.30 14.87
CA TYR A 266 -3.59 -25.60 16.25
C TYR A 266 -4.70 -26.30 16.97
N ARG A 267 -5.87 -26.46 16.34
CA ARG A 267 -7.05 -26.99 17.05
C ARG A 267 -7.46 -26.20 18.22
N THR A 268 -7.17 -24.91 18.19
CA THR A 268 -7.71 -24.00 19.18
C THR A 268 -9.25 -24.11 19.16
N GLU A 269 -9.88 -23.99 20.29
CA GLU A 269 -11.32 -24.21 20.42
C GLU A 269 -12.20 -22.97 20.57
N LYS A 270 -11.75 -21.81 20.19
CA LYS A 270 -12.57 -20.60 20.27
C LYS A 270 -13.88 -20.55 19.44
N ASP A 271 -14.97 -20.13 20.07
CA ASP A 271 -16.27 -20.05 19.40
C ASP A 271 -16.37 -18.70 18.61
N ILE A 272 -16.60 -18.80 17.31
CA ILE A 272 -16.61 -17.63 16.43
C ILE A 272 -17.67 -16.60 16.79
N ASN A 273 -18.93 -17.02 16.99
CA ASN A 273 -20.00 -16.05 17.37
C ASN A 273 -19.83 -15.32 18.64
N SER A 274 -19.36 -16.02 19.69
CA SER A 274 -19.03 -15.31 20.89
C SER A 274 -17.93 -14.35 20.75
N ALA A 275 -16.89 -14.75 20.02
CA ALA A 275 -15.75 -13.86 19.88
C ALA A 275 -16.21 -12.57 19.17
N ILE A 276 -17.03 -12.74 18.15
CA ILE A 276 -17.52 -11.56 17.39
C ILE A 276 -18.36 -10.66 18.33
N ASP A 277 -19.29 -11.31 19.04
CA ASP A 277 -20.21 -10.64 20.00
C ASP A 277 -19.46 -9.93 21.07
N ARG A 278 -18.41 -10.52 21.59
CA ARG A 278 -17.60 -9.82 22.57
C ARG A 278 -16.93 -8.54 22.08
N ILE A 279 -16.44 -8.60 20.84
CA ILE A 279 -15.78 -7.46 20.29
C ILE A 279 -16.81 -6.39 20.07
N LEU A 280 -17.95 -6.75 19.52
CA LEU A 280 -18.90 -5.74 19.10
C LEU A 280 -19.63 -5.10 20.25
N GLN A 281 -19.54 -5.65 21.44
CA GLN A 281 -20.35 -5.07 22.52
C GLN A 281 -19.61 -3.96 23.25
N GLU A 282 -18.30 -3.88 23.02
CA GLU A 282 -17.46 -2.81 23.58
C GLU A 282 -17.87 -1.43 22.98
C1 EDO B . -21.40 1.82 15.11
O1 EDO B . -20.95 0.67 15.79
C2 EDO B . -22.14 1.39 13.86
O2 EDO B . -22.28 2.51 13.03
C1 EDO C . -10.20 3.24 6.61
O1 EDO C . -10.99 3.48 5.46
C2 EDO C . -9.09 4.28 6.68
O2 EDO C . -9.60 5.55 7.07
#